data_5MLL
#
_entry.id   5MLL
#
_cell.length_a   40.380
_cell.length_b   67.580
_cell.length_c   159.300
_cell.angle_alpha   90.00
_cell.angle_beta   90.00
_cell.angle_gamma   90.00
#
_symmetry.space_group_name_H-M   'P 21 21 21'
#
loop_
_entity.id
_entity.type
_entity.pdbx_description
1 polymer 'DNA processing chain A (DprA)'
2 non-polymer 1,2-ETHANEDIOL
3 water water
#
_entity_poly.entity_id   1
_entity_poly.type   'polypeptide(L)'
_entity_poly.pdbx_seq_one_letter_code
;QRMKSHFQYSTLENIPKAFDILKDPPKKLYCVGDTKLLDTPLKVAIIGTRRPTPYSKQHTITLARELAKNGAVIVSGGAL
GVDIIAQENALPKTIMLSPCSLDFIYPTNNHKVIQEIAQNGLILSEYEKDFMPIKGSFLARNRLVIALSDVVIIPQADLK
SGSMSSARLAQKYQKPLFVLPQRLNESDGTNELLEKGQAQGIFNIQNFINTLLKDYHLK
;
_entity_poly.pdbx_strand_id   A,B
#
loop_
_chem_comp.id
_chem_comp.type
_chem_comp.name
_chem_comp.formula
EDO non-polymer 1,2-ETHANEDIOL 'C2 H6 O2'
#
# COMPACT_ATOMS: atom_id res chain seq x y z
N ARG A 2 -12.27 9.79 4.10
CA ARG A 2 -11.30 9.17 5.00
C ARG A 2 -11.39 9.79 6.38
N MET A 3 -11.36 8.95 7.41
CA MET A 3 -11.46 9.44 8.78
C MET A 3 -10.14 9.31 9.53
N LYS A 4 -9.59 10.43 9.98
CA LYS A 4 -8.39 10.38 10.81
C LYS A 4 -8.77 9.94 12.22
N SER A 5 -7.91 9.10 12.81
CA SER A 5 -8.13 8.58 14.16
C SER A 5 -7.70 9.57 15.25
N HIS A 6 -6.62 10.28 14.96
CA HIS A 6 -5.90 11.09 15.93
C HIS A 6 -5.37 10.25 17.08
N PHE A 7 -5.18 8.95 16.83
CA PHE A 7 -4.49 8.09 17.78
C PHE A 7 -3.03 8.50 17.94
N GLN A 8 -2.51 8.39 19.17
CA GLN A 8 -1.08 8.32 19.37
C GLN A 8 -0.65 6.87 19.25
N TYR A 9 0.33 6.58 18.40
CA TYR A 9 0.76 5.20 18.30
C TYR A 9 2.27 5.04 18.19
N SER A 10 2.74 3.89 18.62
CA SER A 10 4.16 3.57 18.66
C SER A 10 4.39 2.25 17.92
N THR A 11 5.44 1.53 18.33
CA THR A 11 5.71 0.21 17.76
C THR A 11 5.92 -0.81 18.87
N LEU A 12 5.62 -2.07 18.56
CA LEU A 12 5.94 -3.15 19.47
C LEU A 12 7.44 -3.27 19.58
N GLU A 13 7.94 -3.59 20.78
CA GLU A 13 9.36 -3.85 20.99
C GLU A 13 9.77 -5.11 20.24
N ASN A 14 9.01 -6.19 20.43
CA ASN A 14 9.26 -7.43 19.71
C ASN A 14 8.04 -7.90 18.93
N ILE A 15 8.27 -8.42 17.74
CA ILE A 15 7.21 -9.11 17.00
C ILE A 15 6.83 -10.40 17.71
N PRO A 16 5.53 -10.56 18.04
CA PRO A 16 5.04 -11.77 18.72
C PRO A 16 5.53 -13.04 18.02
N LYS A 17 5.99 -14.01 18.81
CA LYS A 17 6.55 -15.24 18.27
C LYS A 17 5.54 -16.02 17.42
N ALA A 18 4.25 -15.82 17.69
CA ALA A 18 3.20 -16.47 16.92
C ALA A 18 3.32 -16.19 15.41
N PHE A 19 3.88 -15.04 15.05
CA PHE A 19 4.02 -14.67 13.65
C PHE A 19 5.16 -15.38 12.93
N ASP A 20 5.96 -16.15 13.68
CA ASP A 20 7.02 -16.97 13.09
C ASP A 20 6.51 -17.99 12.05
N ILE A 21 5.27 -18.44 12.20
CA ILE A 21 4.71 -19.42 11.27
C ILE A 21 4.44 -18.80 9.90
N LEU A 22 4.46 -17.48 9.82
CA LEU A 22 4.26 -16.81 8.53
C LEU A 22 5.48 -16.98 7.64
N LYS A 23 5.26 -16.95 6.32
CA LYS A 23 6.37 -16.91 5.36
C LYS A 23 7.04 -15.55 5.40
N ASP A 24 6.24 -14.48 5.40
CA ASP A 24 6.78 -13.12 5.46
C ASP A 24 6.26 -12.39 6.70
N PRO A 25 6.80 -12.75 7.88
CA PRO A 25 6.30 -12.15 9.12
C PRO A 25 6.65 -10.66 9.17
N PRO A 26 5.76 -9.85 9.74
CA PRO A 26 6.05 -8.41 9.83
C PRO A 26 7.33 -8.19 10.61
N LYS A 27 8.14 -7.22 10.19
CA LYS A 27 9.35 -6.93 10.95
C LYS A 27 9.12 -5.72 11.84
N LYS A 28 8.04 -4.98 11.57
CA LYS A 28 7.56 -3.92 12.47
C LYS A 28 6.05 -3.96 12.60
N LEU A 29 5.56 -3.75 13.82
CA LEU A 29 4.12 -3.63 14.07
C LEU A 29 3.84 -2.38 14.87
N TYR A 30 2.95 -1.54 14.35
CA TYR A 30 2.55 -0.31 14.99
C TYR A 30 1.41 -0.60 15.95
N CYS A 31 1.33 0.14 17.06
CA CYS A 31 0.41 -0.27 18.12
C CYS A 31 -0.21 0.91 18.84
N VAL A 32 -1.47 0.75 19.26
CA VAL A 32 -2.06 1.69 20.19
C VAL A 32 -2.90 0.89 21.19
N GLY A 33 -2.74 1.20 22.48
CA GLY A 33 -3.48 0.50 23.50
C GLY A 33 -2.60 -0.42 24.32
N ASP A 34 -3.20 -1.46 24.87
CA ASP A 34 -2.53 -2.30 25.87
C ASP A 34 -1.81 -3.50 25.25
N THR A 35 -0.49 -3.37 25.15
CA THR A 35 0.34 -4.40 24.52
C THR A 35 0.43 -5.64 25.40
N LYS A 36 0.04 -5.51 26.67
CA LYS A 36 0.08 -6.66 27.57
C LYS A 36 -0.91 -7.74 27.14
N LEU A 37 -1.95 -7.33 26.41
CA LEU A 37 -2.90 -8.29 25.86
C LEU A 37 -2.23 -9.36 24.97
N LEU A 38 -1.02 -9.08 24.51
CA LEU A 38 -0.28 -10.04 23.70
C LEU A 38 0.30 -11.18 24.55
N ASP A 39 0.51 -10.93 25.84
CA ASP A 39 1.16 -11.92 26.72
C ASP A 39 0.15 -12.77 27.49
N THR A 40 -0.90 -13.19 26.81
CA THR A 40 -1.95 -13.96 27.46
C THR A 40 -1.95 -15.39 26.90
N PRO A 41 -2.42 -16.36 27.70
CA PRO A 41 -2.36 -17.75 27.24
C PRO A 41 -3.31 -18.14 26.10
N LEU A 42 -4.49 -17.53 26.02
CA LEU A 42 -5.45 -17.93 25.00
C LEU A 42 -5.94 -16.76 24.16
N LYS A 43 -5.62 -16.79 22.87
CA LYS A 43 -6.18 -15.84 21.92
C LYS A 43 -7.15 -16.55 20.97
N VAL A 44 -8.34 -16.00 20.87
CA VAL A 44 -9.40 -16.59 20.05
C VAL A 44 -9.82 -15.62 18.96
N ALA A 45 -9.57 -15.97 17.70
CA ALA A 45 -10.09 -15.18 16.61
C ALA A 45 -11.58 -15.44 16.44
N ILE A 46 -12.36 -14.37 16.38
CA ILE A 46 -13.76 -14.48 15.99
C ILE A 46 -13.98 -13.56 14.78
N ILE A 47 -14.29 -14.18 13.64
CA ILE A 47 -14.44 -13.49 12.37
C ILE A 47 -15.62 -14.06 11.61
N GLY A 48 -16.14 -13.33 10.64
CA GLY A 48 -17.28 -13.81 9.89
C GLY A 48 -18.01 -12.76 9.11
N THR A 49 -19.23 -13.09 8.69
CA THR A 49 -19.98 -12.27 7.76
C THR A 49 -20.20 -10.84 8.24
N ARG A 50 -20.26 -9.91 7.29
CA ARG A 50 -20.60 -8.53 7.59
C ARG A 50 -22.09 -8.39 7.94
N ARG A 51 -22.87 -9.45 7.71
CA ARG A 51 -24.31 -9.41 7.82
C ARG A 51 -24.89 -10.54 8.70
N PRO A 52 -24.49 -10.64 9.98
CA PRO A 52 -24.98 -11.82 10.72
C PRO A 52 -26.47 -11.79 11.03
N THR A 53 -27.09 -12.96 11.06
CA THR A 53 -28.47 -13.11 11.53
C THR A 53 -28.57 -12.81 13.02
N PRO A 54 -29.79 -12.57 13.51
CA PRO A 54 -29.90 -12.41 14.97
C PRO A 54 -29.37 -13.63 15.72
N TYR A 55 -29.58 -14.82 15.17
CA TYR A 55 -29.08 -16.06 15.78
C TYR A 55 -27.56 -16.03 15.89
N SER A 56 -26.90 -15.76 14.77
CA SER A 56 -25.45 -15.69 14.74
C SER A 56 -24.92 -14.62 15.68
N LYS A 57 -25.58 -13.46 15.68
CA LYS A 57 -25.20 -12.38 16.59
C LYS A 57 -25.32 -12.76 18.06
N GLN A 58 -26.45 -13.38 18.44
CA GLN A 58 -26.69 -13.73 19.83
C GLN A 58 -25.57 -14.61 20.38
N HIS A 59 -25.15 -15.59 19.59
CA HIS A 59 -24.15 -16.54 20.03
C HIS A 59 -22.73 -16.00 19.89
N THR A 60 -22.52 -15.10 18.94
CA THR A 60 -21.23 -14.42 18.85
C THR A 60 -21.01 -13.63 20.14
N ILE A 61 -22.07 -12.97 20.60
CA ILE A 61 -21.99 -12.15 21.80
C ILE A 61 -21.63 -13.01 23.00
N THR A 62 -22.33 -14.14 23.16
CA THR A 62 -22.06 -15.02 24.29
C THR A 62 -20.63 -15.52 24.28
N LEU A 63 -20.16 -15.98 23.13
CA LEU A 63 -18.78 -16.49 23.00
C LEU A 63 -17.78 -15.42 23.40
N ALA A 64 -17.91 -14.25 22.79
CA ALA A 64 -16.98 -13.14 23.04
C ALA A 64 -17.00 -12.73 24.51
N ARG A 65 -18.20 -12.48 25.02
CA ARG A 65 -18.34 -12.01 26.40
C ARG A 65 -17.82 -13.03 27.42
N GLU A 66 -18.18 -14.29 27.25
CA GLU A 66 -17.83 -15.32 28.24
C GLU A 66 -16.37 -15.68 28.18
N LEU A 67 -15.81 -15.74 26.97
CA LEU A 67 -14.40 -16.05 26.82
C LEU A 67 -13.56 -14.92 27.43
N ALA A 68 -13.97 -13.67 27.16
CA ALA A 68 -13.25 -12.51 27.69
C ALA A 68 -13.35 -12.46 29.21
N LYS A 69 -14.53 -12.76 29.73
CA LYS A 69 -14.77 -12.79 31.17
C LYS A 69 -13.79 -13.73 31.88
N ASN A 70 -13.37 -14.78 31.19
CA ASN A 70 -12.45 -15.76 31.75
C ASN A 70 -11.00 -15.62 31.30
N GLY A 71 -10.64 -14.43 30.85
CA GLY A 71 -9.24 -14.12 30.58
C GLY A 71 -8.74 -14.51 29.20
N ALA A 72 -9.63 -14.95 28.32
CA ALA A 72 -9.26 -15.13 26.93
C ALA A 72 -9.24 -13.76 26.28
N VAL A 73 -8.47 -13.61 25.20
CA VAL A 73 -8.47 -12.36 24.46
C VAL A 73 -9.08 -12.59 23.09
N ILE A 74 -10.04 -11.78 22.70
CA ILE A 74 -10.66 -11.97 21.38
C ILE A 74 -9.90 -11.18 20.31
N VAL A 75 -9.51 -11.87 19.24
CA VAL A 75 -8.78 -11.25 18.13
C VAL A 75 -9.68 -11.13 16.89
N SER A 76 -9.68 -9.96 16.25
CA SER A 76 -10.45 -9.80 15.02
C SER A 76 -9.91 -8.66 14.17
N GLY A 77 -10.66 -8.30 13.13
CA GLY A 77 -10.20 -7.29 12.17
C GLY A 77 -11.03 -6.02 12.18
N GLY A 78 -11.91 -5.92 13.17
CA GLY A 78 -12.76 -4.75 13.33
C GLY A 78 -13.78 -4.47 12.25
N ALA A 79 -14.07 -5.47 11.40
CA ALA A 79 -15.01 -5.29 10.28
C ALA A 79 -16.45 -5.11 10.75
N LEU A 80 -17.29 -4.59 9.86
CA LEU A 80 -18.74 -4.61 10.13
C LEU A 80 -19.21 -6.05 10.35
N GLY A 81 -20.25 -6.23 11.19
CA GLY A 81 -20.81 -7.55 11.42
C GLY A 81 -20.12 -8.30 12.54
N VAL A 82 -19.84 -9.57 12.31
CA VAL A 82 -19.29 -10.46 13.34
C VAL A 82 -18.10 -9.87 14.09
N ASP A 83 -17.11 -9.37 13.36
CA ASP A 83 -15.88 -8.83 13.97
C ASP A 83 -16.19 -7.83 15.07
N ILE A 84 -16.89 -6.77 14.70
CA ILE A 84 -17.03 -5.63 15.60
C ILE A 84 -18.02 -5.97 16.71
N ILE A 85 -18.94 -6.88 16.43
CA ILE A 85 -19.83 -7.38 17.49
C ILE A 85 -19.00 -8.11 18.55
N ALA A 86 -18.17 -9.06 18.10
CA ALA A 86 -17.31 -9.80 19.02
C ALA A 86 -16.37 -8.90 19.82
N GLN A 87 -15.74 -7.94 19.15
CA GLN A 87 -14.74 -7.12 19.82
C GLN A 87 -15.37 -6.20 20.85
N GLU A 88 -16.51 -5.59 20.51
CA GLU A 88 -17.18 -4.69 21.47
C GLU A 88 -17.56 -5.46 22.70
N ASN A 89 -18.05 -6.68 22.51
CA ASN A 89 -18.52 -7.50 23.61
C ASN A 89 -17.40 -8.23 24.34
N ALA A 90 -16.18 -8.12 23.83
CA ALA A 90 -15.03 -8.69 24.52
C ALA A 90 -14.20 -7.65 25.29
N LEU A 91 -14.51 -6.37 25.08
CA LEU A 91 -13.75 -5.28 25.71
C LEU A 91 -13.66 -5.48 27.22
N PRO A 92 -12.47 -5.25 27.79
CA PRO A 92 -11.30 -4.68 27.10
C PRO A 92 -10.30 -5.71 26.57
N LYS A 93 -10.64 -6.99 26.70
CA LYS A 93 -9.73 -8.06 26.30
C LYS A 93 -9.87 -8.39 24.81
N THR A 94 -9.45 -7.46 23.96
CA THR A 94 -9.57 -7.73 22.53
C THR A 94 -8.48 -6.99 21.76
N ILE A 95 -8.05 -7.61 20.67
CA ILE A 95 -6.98 -7.09 19.83
C ILE A 95 -7.50 -6.98 18.41
N MET A 96 -7.44 -5.78 17.86
CA MET A 96 -7.82 -5.58 16.46
C MET A 96 -6.58 -5.56 15.60
N LEU A 97 -6.61 -6.29 14.48
CA LEU A 97 -5.60 -6.15 13.43
C LEU A 97 -6.18 -5.25 12.34
N SER A 98 -5.62 -4.05 12.23
CA SER A 98 -6.19 -3.04 11.33
C SER A 98 -5.74 -3.23 9.88
N PRO A 99 -6.67 -3.03 8.93
CA PRO A 99 -6.34 -3.11 7.51
C PRO A 99 -5.80 -1.77 7.00
N CYS A 100 -5.79 -0.76 7.87
CA CYS A 100 -5.21 0.55 7.52
C CYS A 100 -4.18 0.91 8.58
N SER A 101 -3.46 2.00 8.34
CA SER A 101 -2.51 2.49 9.32
C SER A 101 -3.27 3.14 10.47
N LEU A 102 -2.60 3.26 11.63
CA LEU A 102 -3.30 3.61 12.86
C LEU A 102 -3.67 5.09 12.91
N ASP A 103 -3.25 5.85 11.90
CA ASP A 103 -3.64 7.26 11.81
C ASP A 103 -5.01 7.41 11.17
N PHE A 104 -5.56 6.29 10.67
CA PHE A 104 -6.88 6.24 10.05
C PHE A 104 -7.85 5.27 10.77
N ILE A 105 -9.15 5.54 10.66
CA ILE A 105 -10.19 4.62 11.15
C ILE A 105 -10.80 3.85 9.99
N TYR A 106 -10.92 2.53 10.13
CA TYR A 106 -11.63 1.75 9.13
C TYR A 106 -12.27 0.50 9.72
N PRO A 107 -13.56 0.30 9.45
CA PRO A 107 -14.45 1.19 8.68
C PRO A 107 -14.96 2.36 9.51
N THR A 108 -15.29 3.47 8.87
CA THR A 108 -15.71 4.68 9.58
C THR A 108 -16.94 4.42 10.48
N ASN A 109 -17.88 3.62 9.98
CA ASN A 109 -19.06 3.24 10.76
C ASN A 109 -18.74 2.64 12.13
N ASN A 110 -17.57 2.03 12.27
CA ASN A 110 -17.21 1.40 13.54
C ASN A 110 -16.35 2.27 14.43
N HIS A 111 -16.28 3.57 14.14
CA HIS A 111 -15.33 4.44 14.80
C HIS A 111 -15.50 4.46 16.32
N LYS A 112 -16.74 4.43 16.80
CA LYS A 112 -16.97 4.46 18.24
C LYS A 112 -16.30 3.26 18.94
N VAL A 113 -16.58 2.05 18.48
CA VAL A 113 -15.98 0.86 19.10
C VAL A 113 -14.46 0.81 18.85
N ILE A 114 -14.04 1.22 17.66
CA ILE A 114 -12.62 1.15 17.38
C ILE A 114 -11.86 2.10 18.33
N GLN A 115 -12.42 3.27 18.58
CA GLN A 115 -11.83 4.19 19.56
C GLN A 115 -11.82 3.56 20.96
N GLU A 116 -12.86 2.79 21.29
CA GLU A 116 -12.89 2.08 22.57
C GLU A 116 -11.78 1.05 22.64
N ILE A 117 -11.53 0.38 21.53
CA ILE A 117 -10.47 -0.62 21.48
C ILE A 117 -9.11 0.06 21.64
N ALA A 118 -8.92 1.20 20.98
CA ALA A 118 -7.65 1.91 21.09
C ALA A 118 -7.37 2.35 22.53
N GLN A 119 -8.44 2.67 23.27
CA GLN A 119 -8.30 3.17 24.64
C GLN A 119 -8.10 2.05 25.65
N ASN A 120 -8.78 0.94 25.45
CA ASN A 120 -8.87 -0.09 26.47
C ASN A 120 -8.34 -1.46 26.04
N GLY A 121 -8.42 -1.75 24.75
CA GLY A 121 -7.91 -3.00 24.22
C GLY A 121 -6.58 -2.75 23.51
N LEU A 122 -6.39 -3.34 22.34
CA LEU A 122 -5.16 -3.12 21.57
C LEU A 122 -5.45 -3.16 20.09
N ILE A 123 -4.89 -2.20 19.34
CA ILE A 123 -4.93 -2.26 17.88
C ILE A 123 -3.51 -2.33 17.32
N LEU A 124 -3.28 -3.27 16.40
CA LEU A 124 -2.00 -3.36 15.70
C LEU A 124 -2.17 -3.11 14.22
N SER A 125 -1.16 -2.54 13.57
CA SER A 125 -1.16 -2.43 12.12
C SER A 125 0.22 -2.70 11.57
N GLU A 126 0.27 -3.28 10.38
CA GLU A 126 1.52 -3.47 9.68
C GLU A 126 1.97 -2.19 8.99
N TYR A 127 1.08 -1.21 8.91
CA TYR A 127 1.27 -0.05 8.03
C TYR A 127 1.56 1.23 8.84
N GLU A 128 2.63 1.94 8.49
CA GLU A 128 3.06 3.06 9.32
C GLU A 128 2.09 4.25 9.32
N LYS A 129 1.72 4.73 8.14
CA LYS A 129 0.98 5.98 8.03
C LYS A 129 0.35 6.10 6.66
N ASP A 130 -0.67 6.94 6.53
CA ASP A 130 -1.26 7.26 5.23
C ASP A 130 -1.59 6.03 4.40
N PHE A 131 -2.04 4.98 5.04
CA PHE A 131 -2.26 3.76 4.31
C PHE A 131 -3.71 3.32 4.44
N MET A 132 -4.46 3.40 3.34
CA MET A 132 -5.82 2.90 3.34
C MET A 132 -5.85 1.54 2.66
N PRO A 133 -6.75 0.65 3.11
CA PRO A 133 -6.74 -0.71 2.59
C PRO A 133 -7.17 -0.80 1.14
N ILE A 134 -6.51 -1.67 0.38
CA ILE A 134 -7.05 -2.18 -0.87
C ILE A 134 -7.29 -3.66 -0.63
N LYS A 135 -7.77 -4.36 -1.64
CA LYS A 135 -8.12 -5.78 -1.52
C LYS A 135 -6.98 -6.58 -0.89
N GLY A 136 -5.78 -6.39 -1.42
CA GLY A 136 -4.59 -7.09 -0.94
C GLY A 136 -4.28 -6.81 0.52
N SER A 137 -4.65 -5.62 0.99
N SER A 137 -4.66 -5.62 1.00
CA SER A 137 -4.37 -5.23 2.38
CA SER A 137 -4.37 -5.22 2.36
C SER A 137 -5.20 -6.04 3.35
C SER A 137 -5.21 -6.02 3.36
N PHE A 138 -6.47 -6.23 3.02
CA PHE A 138 -7.37 -7.02 3.87
C PHE A 138 -6.83 -8.43 4.02
N LEU A 139 -6.40 -9.01 2.90
CA LEU A 139 -5.90 -10.38 2.90
C LEU A 139 -4.65 -10.49 3.76
N ALA A 140 -3.72 -9.53 3.63
CA ALA A 140 -2.50 -9.56 4.45
C ALA A 140 -2.86 -9.46 5.93
N ARG A 141 -3.77 -8.55 6.24
CA ARG A 141 -4.25 -8.36 7.60
C ARG A 141 -4.84 -9.66 8.16
N ASN A 142 -5.58 -10.38 7.34
CA ASN A 142 -6.22 -11.62 7.77
C ASN A 142 -5.20 -12.66 8.23
N ARG A 143 -4.05 -12.71 7.56
CA ARG A 143 -3.01 -13.67 7.94
C ARG A 143 -2.52 -13.36 9.35
N LEU A 144 -2.46 -12.07 9.69
CA LEU A 144 -2.06 -11.66 11.03
C LEU A 144 -3.07 -12.11 12.07
N VAL A 145 -4.36 -11.89 11.78
CA VAL A 145 -5.42 -12.35 12.68
C VAL A 145 -5.30 -13.86 12.93
N ILE A 146 -5.13 -14.65 11.87
CA ILE A 146 -5.10 -16.10 12.06
C ILE A 146 -3.79 -16.57 12.74
N ALA A 147 -2.64 -16.08 12.28
CA ALA A 147 -1.35 -16.45 12.87
C ALA A 147 -1.27 -16.14 14.37
N LEU A 148 -1.81 -14.99 14.77
CA LEU A 148 -1.74 -14.57 16.18
C LEU A 148 -2.62 -15.41 17.10
N SER A 149 -3.67 -16.00 16.56
CA SER A 149 -4.69 -16.65 17.39
C SER A 149 -4.39 -18.12 17.61
N ASP A 150 -4.79 -18.63 18.77
CA ASP A 150 -4.63 -20.03 19.10
C ASP A 150 -5.71 -20.88 18.44
N VAL A 151 -6.93 -20.34 18.41
CA VAL A 151 -8.06 -21.04 17.81
C VAL A 151 -8.91 -20.03 17.05
N VAL A 152 -9.63 -20.49 16.04
CA VAL A 152 -10.44 -19.60 15.22
C VAL A 152 -11.92 -20.02 15.26
N ILE A 153 -12.81 -19.05 15.47
CA ILE A 153 -14.27 -19.25 15.38
C ILE A 153 -14.89 -18.42 14.24
N ILE A 154 -15.66 -19.09 13.38
CA ILE A 154 -16.42 -18.42 12.33
C ILE A 154 -17.91 -18.67 12.56
N PRO A 155 -18.63 -17.71 13.15
CA PRO A 155 -20.03 -17.99 13.50
C PRO A 155 -20.94 -18.19 12.29
N GLN A 156 -20.72 -17.38 11.25
CA GLN A 156 -21.55 -17.44 10.04
C GLN A 156 -20.77 -16.89 8.86
N ALA A 157 -20.92 -17.53 7.70
CA ALA A 157 -20.22 -17.08 6.48
C ALA A 157 -20.80 -17.71 5.22
N ASP A 158 -20.82 -16.93 4.15
CA ASP A 158 -21.16 -17.45 2.83
C ASP A 158 -19.94 -18.06 2.17
N LEU A 159 -20.15 -18.87 1.14
CA LEU A 159 -19.04 -19.33 0.31
C LEU A 159 -18.46 -18.12 -0.43
N LYS A 160 -17.17 -18.19 -0.74
CA LYS A 160 -16.47 -17.07 -1.36
C LYS A 160 -16.75 -15.78 -0.59
N SER A 161 -16.20 -15.73 0.61
CA SER A 161 -16.25 -14.53 1.44
C SER A 161 -14.88 -14.42 2.07
N GLY A 162 -14.59 -13.27 2.68
CA GLY A 162 -13.32 -13.09 3.34
C GLY A 162 -13.08 -14.19 4.36
N SER A 163 -14.15 -14.58 5.05
CA SER A 163 -14.01 -15.57 6.12
C SER A 163 -13.49 -16.88 5.58
N MET A 164 -13.84 -17.18 4.33
CA MET A 164 -13.44 -18.46 3.77
C MET A 164 -11.94 -18.50 3.45
N SER A 165 -11.37 -17.43 2.92
CA SER A 165 -9.93 -17.44 2.68
C SER A 165 -9.18 -17.54 4.01
N SER A 166 -9.71 -16.90 5.05
CA SER A 166 -9.13 -17.02 6.39
C SER A 166 -9.30 -18.42 6.97
N ALA A 167 -10.40 -19.09 6.61
CA ALA A 167 -10.58 -20.47 7.04
C ALA A 167 -9.48 -21.36 6.47
N ARG A 168 -9.14 -21.16 5.20
CA ARG A 168 -8.05 -21.92 4.60
C ARG A 168 -6.70 -21.53 5.22
N LEU A 169 -6.58 -20.31 5.73
CA LEU A 169 -5.39 -19.93 6.46
C LEU A 169 -5.28 -20.68 7.79
N ALA A 170 -6.40 -20.79 8.51
CA ALA A 170 -6.41 -21.55 9.76
C ALA A 170 -5.99 -23.00 9.49
N GLN A 171 -6.45 -23.53 8.37
CA GLN A 171 -6.06 -24.86 7.89
C GLN A 171 -4.57 -24.87 7.52
N LYS A 172 -4.16 -23.87 6.75
CA LYS A 172 -2.76 -23.70 6.37
C LYS A 172 -1.87 -23.63 7.62
N TYR A 173 -2.25 -22.77 8.57
CA TYR A 173 -1.44 -22.53 9.76
C TYR A 173 -1.76 -23.50 10.88
N GLN A 174 -2.59 -24.50 10.57
CA GLN A 174 -2.95 -25.53 11.53
C GLN A 174 -3.53 -24.94 12.83
N LYS A 175 -4.45 -23.99 12.69
CA LYS A 175 -5.19 -23.48 13.83
C LYS A 175 -6.53 -24.19 13.88
N PRO A 176 -6.91 -24.70 15.06
CA PRO A 176 -8.23 -25.30 15.28
C PRO A 176 -9.36 -24.37 14.83
N LEU A 177 -10.24 -24.87 13.97
CA LEU A 177 -11.30 -24.06 13.38
C LEU A 177 -12.69 -24.53 13.83
N PHE A 178 -13.50 -23.59 14.32
CA PHE A 178 -14.84 -23.89 14.85
C PHE A 178 -15.92 -23.02 14.23
N VAL A 179 -17.12 -23.57 14.06
CA VAL A 179 -18.21 -22.80 13.52
C VAL A 179 -19.48 -23.02 14.33
N LEU A 180 -20.42 -22.11 14.25
CA LEU A 180 -21.76 -22.37 14.84
C LEU A 180 -22.52 -23.34 13.96
N PRO A 181 -23.41 -24.13 14.57
CA PRO A 181 -24.36 -24.92 13.77
C PRO A 181 -25.31 -24.01 13.01
N GLN A 182 -25.49 -24.28 11.73
CA GLN A 182 -26.40 -23.51 10.91
C GLN A 182 -27.29 -24.44 10.10
N ARG A 183 -28.51 -23.99 9.81
CA ARG A 183 -29.39 -24.78 8.94
C ARG A 183 -28.81 -24.93 7.55
N LEU A 184 -29.14 -26.04 6.88
CA LEU A 184 -28.85 -26.21 5.47
C LEU A 184 -29.29 -24.98 4.66
N ASN A 185 -28.47 -24.62 3.68
CA ASN A 185 -28.74 -23.49 2.76
C ASN A 185 -28.72 -22.12 3.44
N GLU A 186 -28.28 -22.10 4.70
CA GLU A 186 -27.91 -20.87 5.38
C GLU A 186 -26.45 -21.00 5.76
N SER A 187 -25.71 -19.89 5.75
CA SER A 187 -24.27 -19.93 6.06
C SER A 187 -23.55 -21.05 5.32
N ASP A 188 -23.64 -21.05 3.99
CA ASP A 188 -23.10 -22.12 3.17
C ASP A 188 -21.59 -22.32 3.35
N GLY A 189 -20.87 -21.23 3.60
CA GLY A 189 -19.45 -21.32 3.86
C GLY A 189 -19.09 -22.20 5.03
N THR A 190 -19.70 -21.95 6.19
CA THR A 190 -19.34 -22.70 7.39
C THR A 190 -19.90 -24.13 7.35
N ASN A 191 -21.05 -24.30 6.68
CA ASN A 191 -21.57 -25.64 6.49
C ASN A 191 -20.69 -26.47 5.53
N GLU A 192 -20.08 -25.82 4.54
CA GLU A 192 -19.15 -26.57 3.69
C GLU A 192 -17.87 -26.94 4.43
N LEU A 193 -17.46 -26.10 5.38
CA LEU A 193 -16.33 -26.43 6.24
C LEU A 193 -16.60 -27.69 7.08
N LEU A 194 -17.80 -27.77 7.65
CA LEU A 194 -18.21 -28.94 8.42
C LEU A 194 -18.25 -30.17 7.53
N GLU A 195 -18.82 -29.99 6.35
CA GLU A 195 -19.01 -31.07 5.39
C GLU A 195 -17.68 -31.70 5.01
N LYS A 196 -16.67 -30.87 4.78
CA LYS A 196 -15.38 -31.36 4.35
C LYS A 196 -14.50 -31.75 5.54
N GLY A 197 -15.04 -31.60 6.74
CA GLY A 197 -14.27 -31.86 7.96
C GLY A 197 -13.16 -30.84 8.23
N GLN A 198 -13.25 -29.66 7.62
CA GLN A 198 -12.21 -28.63 7.78
C GLN A 198 -12.48 -27.76 9.01
N ALA A 199 -13.63 -27.97 9.64
CA ALA A 199 -13.98 -27.25 10.87
C ALA A 199 -14.77 -28.16 11.79
N GLN A 200 -14.75 -27.88 13.09
CA GLN A 200 -15.60 -28.61 14.02
C GLN A 200 -16.74 -27.73 14.48
N GLY A 201 -17.89 -28.33 14.74
CA GLY A 201 -19.06 -27.58 15.10
C GLY A 201 -19.11 -27.29 16.58
N ILE A 202 -19.71 -26.16 16.93
CA ILE A 202 -19.94 -25.81 18.32
C ILE A 202 -21.35 -26.24 18.69
N PHE A 203 -21.52 -27.51 19.06
CA PHE A 203 -22.85 -28.06 19.19
C PHE A 203 -23.43 -27.81 20.58
N ASN A 204 -22.60 -27.29 21.47
CA ASN A 204 -23.03 -26.81 22.77
C ASN A 204 -22.05 -25.73 23.23
N ILE A 205 -22.56 -24.53 23.46
CA ILE A 205 -21.71 -23.35 23.67
C ILE A 205 -21.01 -23.37 25.02
N GLN A 206 -21.72 -23.85 26.04
CA GLN A 206 -21.14 -23.94 27.38
C GLN A 206 -19.99 -24.93 27.41
N ASN A 207 -20.19 -26.10 26.82
CA ASN A 207 -19.15 -27.13 26.79
C ASN A 207 -17.94 -26.69 25.96
N PHE A 208 -18.19 -26.06 24.82
CA PHE A 208 -17.11 -25.53 23.99
C PHE A 208 -16.27 -24.57 24.79
N ILE A 209 -16.93 -23.61 25.44
CA ILE A 209 -16.21 -22.59 26.21
C ILE A 209 -15.41 -23.19 27.35
N ASN A 210 -16.07 -24.03 28.15
CA ASN A 210 -15.41 -24.63 29.30
C ASN A 210 -14.25 -25.52 28.88
N THR A 211 -14.47 -26.36 27.87
CA THR A 211 -13.40 -27.18 27.29
C THR A 211 -12.23 -26.32 26.84
N LEU A 212 -12.54 -25.22 26.18
CA LEU A 212 -11.52 -24.33 25.64
C LEU A 212 -10.69 -23.69 26.74
N LEU A 213 -11.36 -23.22 27.79
CA LEU A 213 -10.70 -22.56 28.91
C LEU A 213 -9.86 -23.54 29.71
N LYS A 214 -10.29 -24.80 29.72
CA LYS A 214 -9.58 -25.84 30.43
C LYS A 214 -8.31 -26.20 29.68
N ASP A 215 -8.41 -26.44 28.38
CA ASP A 215 -7.23 -26.80 27.60
C ASP A 215 -6.15 -25.74 27.68
N TYR A 216 -6.54 -24.47 27.86
CA TYR A 216 -5.57 -23.39 27.89
C TYR A 216 -5.38 -22.86 29.31
N HIS A 217 -5.98 -23.56 30.26
CA HIS A 217 -5.71 -23.37 31.69
C HIS A 217 -6.01 -21.97 32.19
N LEU A 218 -7.16 -21.42 31.80
CA LEU A 218 -7.64 -20.17 32.38
C LEU A 218 -8.56 -20.49 33.55
N LYS A 219 -9.26 -21.62 33.42
CA LYS A 219 -10.16 -22.10 34.47
C LYS A 219 -9.90 -23.57 34.77
N GLN B 1 11.84 -13.99 -16.17
CA GLN B 1 10.71 -13.97 -15.24
C GLN B 1 10.64 -12.64 -14.48
N ARG B 2 9.56 -12.45 -13.73
CA ARG B 2 9.22 -11.15 -13.17
C ARG B 2 9.64 -10.99 -11.72
N MET B 3 10.14 -9.81 -11.39
CA MET B 3 10.62 -9.56 -10.04
C MET B 3 9.53 -8.97 -9.14
N LYS B 4 9.15 -9.71 -8.11
CA LYS B 4 8.22 -9.21 -7.10
C LYS B 4 8.85 -8.09 -6.29
N SER B 5 8.07 -7.05 -6.04
CA SER B 5 8.57 -5.92 -5.27
C SER B 5 8.49 -6.16 -3.77
N HIS B 6 7.46 -6.91 -3.39
CA HIS B 6 7.07 -7.08 -1.99
C HIS B 6 6.78 -5.73 -1.33
N PHE B 7 6.40 -4.74 -2.14
CA PHE B 7 5.93 -3.47 -1.60
C PHE B 7 4.55 -3.62 -0.98
N GLN B 8 4.33 -2.92 0.12
CA GLN B 8 3.00 -2.73 0.66
C GLN B 8 2.48 -1.44 0.05
N TYR B 9 1.35 -1.49 -0.67
CA TYR B 9 0.90 -0.25 -1.31
C TYR B 9 -0.59 -0.02 -1.18
N SER B 10 -0.98 1.24 -1.33
CA SER B 10 -2.36 1.67 -1.13
C SER B 10 -2.79 2.48 -2.34
N THR B 11 -3.77 3.36 -2.15
N THR B 11 -3.75 3.39 -2.13
CA THR B 11 -4.20 4.29 -3.18
CA THR B 11 -4.21 4.27 -3.20
C THR B 11 -4.16 5.71 -2.67
C THR B 11 -4.32 5.71 -2.70
N LEU B 12 -4.09 6.67 -3.59
CA LEU B 12 -4.19 8.08 -3.25
C LEU B 12 -5.65 8.40 -2.95
N GLU B 13 -5.88 9.22 -1.93
CA GLU B 13 -7.22 9.65 -1.58
C GLU B 13 -7.88 10.34 -2.75
N ASN B 14 -7.17 11.32 -3.31
CA ASN B 14 -7.66 12.04 -4.47
C ASN B 14 -6.62 12.05 -5.60
N ILE B 15 -7.11 12.04 -6.83
CA ILE B 15 -6.25 12.23 -8.00
C ILE B 15 -5.72 13.66 -8.02
N PRO B 16 -4.39 13.83 -7.99
CA PRO B 16 -3.76 15.16 -8.06
C PRO B 16 -4.37 16.01 -9.16
N LYS B 17 -4.54 17.30 -8.87
CA LYS B 17 -5.26 18.20 -9.76
C LYS B 17 -4.51 18.39 -11.08
N ALA B 18 -3.18 18.26 -11.03
CA ALA B 18 -2.36 18.39 -12.23
C ALA B 18 -2.81 17.45 -13.37
N PHE B 19 -3.38 16.31 -13.03
CA PHE B 19 -3.80 15.35 -14.06
C PHE B 19 -5.09 15.77 -14.76
N ASP B 20 -5.71 16.83 -14.27
CA ASP B 20 -6.98 17.29 -14.82
C ASP B 20 -6.84 17.79 -16.25
N ILE B 21 -5.61 18.10 -16.65
CA ILE B 21 -5.41 18.59 -18.02
C ILE B 21 -5.48 17.43 -19.01
N LEU B 22 -5.36 16.21 -18.51
CA LEU B 22 -5.37 15.05 -19.39
C LEU B 22 -6.74 14.84 -20.00
N LYS B 23 -6.75 14.37 -21.24
CA LYS B 23 -7.98 13.97 -21.90
C LYS B 23 -8.61 12.76 -21.21
N ASP B 24 -7.78 11.86 -20.71
CA ASP B 24 -8.24 10.68 -20.00
C ASP B 24 -7.48 10.51 -18.69
N PRO B 25 -7.87 11.28 -17.65
CA PRO B 25 -7.11 11.21 -16.39
C PRO B 25 -7.26 9.86 -15.69
N PRO B 26 -6.26 9.49 -14.87
CA PRO B 26 -6.41 8.23 -14.13
C PRO B 26 -7.52 8.36 -13.10
N LYS B 27 -8.28 7.30 -12.90
CA LYS B 27 -9.37 7.37 -11.93
C LYS B 27 -8.93 6.86 -10.58
N LYS B 28 -7.86 6.07 -10.58
CA LYS B 28 -7.25 5.58 -9.34
C LYS B 28 -5.75 5.54 -9.48
N LEU B 29 -5.02 5.96 -8.45
CA LEU B 29 -3.57 5.83 -8.45
C LEU B 29 -3.09 5.05 -7.24
N TYR B 30 -2.36 3.97 -7.49
CA TYR B 30 -1.79 3.18 -6.40
C TYR B 30 -0.49 3.83 -5.98
N CYS B 31 -0.15 3.73 -4.70
CA CYS B 31 1.01 4.48 -4.20
C CYS B 31 1.80 3.72 -3.14
N VAL B 32 3.11 3.92 -3.16
CA VAL B 32 3.96 3.47 -2.06
C VAL B 32 4.98 4.56 -1.81
N GLY B 33 5.19 4.90 -0.54
CA GLY B 33 6.09 5.97 -0.16
C GLY B 33 5.39 7.24 0.28
N ASP B 34 6.09 8.36 0.10
CA ASP B 34 5.71 9.63 0.73
C ASP B 34 4.79 10.45 -0.16
N THR B 35 3.49 10.40 0.15
CA THR B 35 2.47 11.08 -0.64
C THR B 35 2.57 12.62 -0.53
N LYS B 36 3.26 13.11 0.50
CA LYS B 36 3.45 14.56 0.67
C LYS B 36 4.27 15.17 -0.46
N LEU B 37 5.08 14.36 -1.13
CA LEU B 37 5.84 14.83 -2.27
C LEU B 37 4.94 15.41 -3.36
N LEU B 38 3.65 15.05 -3.35
CA LEU B 38 2.71 15.59 -4.32
C LEU B 38 2.31 17.05 -4.05
N ASP B 39 2.44 17.50 -2.80
CA ASP B 39 2.06 18.87 -2.42
C ASP B 39 3.26 19.81 -2.42
N THR B 40 4.07 19.74 -3.45
CA THR B 40 5.26 20.57 -3.50
C THR B 40 5.16 21.55 -4.64
N PRO B 41 5.68 22.77 -4.44
CA PRO B 41 5.48 23.85 -5.42
C PRO B 41 6.09 23.57 -6.79
N LEU B 42 7.24 22.90 -6.84
CA LEU B 42 7.95 22.71 -8.11
C LEU B 42 8.28 21.25 -8.43
N LYS B 43 7.68 20.73 -9.49
CA LYS B 43 7.93 19.36 -9.94
C LYS B 43 8.62 19.37 -11.30
N VAL B 44 9.80 18.77 -11.35
CA VAL B 44 10.62 18.76 -12.56
C VAL B 44 10.75 17.36 -13.13
N ALA B 45 10.19 17.14 -14.32
CA ALA B 45 10.40 15.86 -15.01
C ALA B 45 11.82 15.84 -15.58
N ILE B 46 12.54 14.75 -15.35
CA ILE B 46 13.83 14.52 -16.02
C ILE B 46 13.79 13.15 -16.66
N ILE B 47 13.79 13.13 -17.99
CA ILE B 47 13.66 11.92 -18.76
C ILE B 47 14.64 11.95 -19.92
N GLY B 48 15.00 10.79 -20.44
CA GLY B 48 15.95 10.77 -21.55
C GLY B 48 16.43 9.40 -21.92
N THR B 49 17.46 9.35 -22.75
CA THR B 49 17.96 8.13 -23.32
C THR B 49 18.32 7.07 -22.29
N ARG B 50 18.19 5.82 -22.71
CA ARG B 50 18.65 4.66 -21.96
C ARG B 50 20.18 4.66 -21.79
N ARG B 51 20.89 5.36 -22.67
CA ARG B 51 22.35 5.30 -22.71
C ARG B 51 23.01 6.66 -22.78
N PRO B 52 22.98 7.41 -21.67
CA PRO B 52 23.60 8.74 -21.74
C PRO B 52 25.12 8.67 -21.79
N THR B 53 25.72 9.63 -22.47
CA THR B 53 27.16 9.82 -22.44
C THR B 53 27.61 10.24 -21.04
N PRO B 54 28.92 10.13 -20.74
CA PRO B 54 29.40 10.65 -19.47
C PRO B 54 29.05 12.14 -19.31
N TYR B 55 29.08 12.86 -20.43
CA TYR B 55 28.71 14.28 -20.45
C TYR B 55 27.26 14.47 -19.98
N SER B 56 26.32 13.77 -20.62
CA SER B 56 24.92 13.92 -20.24
C SER B 56 24.66 13.47 -18.79
N LYS B 57 25.29 12.38 -18.39
CA LYS B 57 25.14 11.86 -17.02
C LYS B 57 25.62 12.88 -15.99
N GLN B 58 26.76 13.51 -16.27
CA GLN B 58 27.35 14.46 -15.35
C GLN B 58 26.40 15.60 -15.06
N HIS B 59 25.78 16.13 -16.12
CA HIS B 59 24.90 17.27 -15.97
C HIS B 59 23.50 16.87 -15.45
N THR B 60 23.04 15.69 -15.85
CA THR B 60 21.82 15.11 -15.28
C THR B 60 21.93 15.02 -13.76
N ILE B 61 23.07 14.50 -13.29
CA ILE B 61 23.34 14.41 -11.86
C ILE B 61 23.27 15.78 -11.20
N THR B 62 23.92 16.78 -11.80
CA THR B 62 23.94 18.11 -11.22
C THR B 62 22.55 18.69 -11.15
N LEU B 63 21.78 18.55 -12.23
CA LEU B 63 20.43 19.11 -12.27
C LEU B 63 19.54 18.46 -11.19
N ALA B 64 19.52 17.14 -11.18
CA ALA B 64 18.70 16.39 -10.20
C ALA B 64 19.08 16.74 -8.76
N ARG B 65 20.38 16.71 -8.47
CA ARG B 65 20.88 16.91 -7.10
C ARG B 65 20.56 18.31 -6.58
N GLU B 66 20.91 19.31 -7.37
CA GLU B 66 20.78 20.70 -6.96
C GLU B 66 19.32 21.13 -6.89
N LEU B 67 18.50 20.67 -7.83
CA LEU B 67 17.08 21.00 -7.81
C LEU B 67 16.41 20.42 -6.56
N ALA B 68 16.77 19.18 -6.24
CA ALA B 68 16.24 18.51 -5.05
C ALA B 68 16.67 19.23 -3.78
N LYS B 69 17.96 19.53 -3.71
CA LYS B 69 18.55 20.24 -2.58
C LYS B 69 17.81 21.55 -2.30
N ASN B 70 17.27 22.15 -3.35
CA ASN B 70 16.56 23.42 -3.21
C ASN B 70 15.03 23.29 -3.17
N GLY B 71 14.54 22.10 -2.87
CA GLY B 71 13.13 21.90 -2.59
C GLY B 71 12.26 21.49 -3.76
N ALA B 72 12.88 21.24 -4.91
CA ALA B 72 12.10 20.76 -6.05
C ALA B 72 11.93 19.24 -5.92
N VAL B 73 10.98 18.69 -6.64
CA VAL B 73 10.82 17.24 -6.70
C VAL B 73 11.07 16.76 -8.12
N ILE B 74 11.93 15.77 -8.28
CA ILE B 74 12.22 15.23 -9.61
C ILE B 74 11.25 14.09 -9.93
N VAL B 75 10.55 14.21 -11.05
CA VAL B 75 9.58 13.20 -11.48
C VAL B 75 10.14 12.44 -12.68
N SER B 76 10.00 11.12 -12.69
CA SER B 76 10.50 10.37 -13.84
C SER B 76 9.85 9.00 -13.91
N GLY B 77 10.35 8.13 -14.79
CA GLY B 77 9.72 6.83 -15.01
C GLY B 77 10.51 5.64 -14.52
N GLY B 78 11.62 5.91 -13.82
CA GLY B 78 12.44 4.83 -13.29
C GLY B 78 13.15 3.97 -14.32
N ALA B 79 13.20 4.42 -15.57
CA ALA B 79 13.80 3.62 -16.65
C ALA B 79 15.33 3.58 -16.60
N LEU B 80 15.90 2.63 -17.32
CA LEU B 80 17.34 2.58 -17.50
C LEU B 80 17.86 3.90 -18.05
N GLY B 81 19.04 4.29 -17.60
CA GLY B 81 19.69 5.48 -18.11
C GLY B 81 19.33 6.74 -17.35
N VAL B 82 19.01 7.79 -18.11
CA VAL B 82 18.73 9.12 -17.56
C VAL B 82 17.73 9.12 -16.42
N ASP B 83 16.62 8.43 -16.60
CA ASP B 83 15.58 8.38 -15.55
C ASP B 83 16.17 8.05 -14.18
N ILE B 84 16.82 6.89 -14.11
CA ILE B 84 17.19 6.32 -12.82
C ILE B 84 18.41 7.03 -12.26
N ILE B 85 19.21 7.64 -13.15
CA ILE B 85 20.28 8.50 -12.70
C ILE B 85 19.70 9.74 -12.00
N ALA B 86 18.75 10.41 -12.63
CA ALA B 86 18.16 11.60 -12.04
C ALA B 86 17.43 11.28 -10.71
N GLN B 87 16.69 10.17 -10.69
CA GLN B 87 15.90 9.88 -9.51
C GLN B 87 16.79 9.51 -8.33
N GLU B 88 17.79 8.68 -8.58
CA GLU B 88 18.71 8.27 -7.51
C GLU B 88 19.38 9.49 -6.91
N ASN B 89 19.77 10.42 -7.77
CA ASN B 89 20.49 11.58 -7.30
C ASN B 89 19.59 12.65 -6.73
N ALA B 90 18.27 12.47 -6.86
CA ALA B 90 17.34 13.41 -6.26
C ALA B 90 16.78 12.92 -4.92
N LEU B 91 17.04 11.67 -4.57
CA LEU B 91 16.52 11.06 -3.35
C LEU B 91 16.79 11.90 -2.12
N PRO B 92 15.77 12.07 -1.26
CA PRO B 92 14.46 11.40 -1.31
C PRO B 92 13.39 12.16 -2.11
N LYS B 93 13.72 13.33 -2.65
CA LYS B 93 12.72 14.19 -3.27
C LYS B 93 12.42 13.73 -4.69
N THR B 94 11.83 12.55 -4.85
CA THR B 94 11.57 12.10 -6.22
C THR B 94 10.35 11.20 -6.28
N ILE B 95 9.64 11.31 -7.40
CA ILE B 95 8.42 10.57 -7.64
C ILE B 95 8.57 9.73 -8.89
N MET B 96 8.42 8.42 -8.78
CA MET B 96 8.43 7.59 -9.98
C MET B 96 7.02 7.26 -10.46
N LEU B 97 6.80 7.33 -11.78
CA LEU B 97 5.57 6.81 -12.39
C LEU B 97 5.88 5.45 -12.99
N SER B 98 5.34 4.39 -12.40
CA SER B 98 5.66 3.02 -12.79
C SER B 98 4.85 2.55 -14.00
N PRO B 99 5.51 1.86 -14.94
CA PRO B 99 4.83 1.27 -16.10
C PRO B 99 4.21 -0.08 -15.75
N CYS B 100 4.47 -0.56 -14.53
CA CYS B 100 3.89 -1.80 -14.07
C CYS B 100 3.16 -1.56 -12.76
N SER B 101 2.37 -2.54 -12.31
CA SER B 101 1.75 -2.47 -10.99
C SER B 101 2.83 -2.57 -9.92
N LEU B 102 2.50 -2.08 -8.73
CA LEU B 102 3.50 -1.88 -7.68
C LEU B 102 3.91 -3.18 -6.99
N ASP B 103 3.28 -4.28 -7.35
CA ASP B 103 3.69 -5.59 -6.84
C ASP B 103 4.90 -6.13 -7.62
N PHE B 104 5.28 -5.43 -8.70
CA PHE B 104 6.43 -5.80 -9.54
C PHE B 104 7.50 -4.69 -9.60
N ILE B 105 8.74 -5.08 -9.89
CA ILE B 105 9.82 -4.13 -10.15
C ILE B 105 10.11 -4.08 -11.64
N TYR B 106 10.20 -2.89 -12.19
CA TYR B 106 10.58 -2.77 -13.59
C TYR B 106 11.28 -1.44 -13.85
N PRO B 107 12.44 -1.48 -14.52
CA PRO B 107 13.15 -2.67 -14.99
C PRO B 107 13.89 -3.35 -13.84
N THR B 108 14.10 -4.66 -13.93
CA THR B 108 14.70 -5.40 -12.81
C THR B 108 16.10 -4.88 -12.48
N ASN B 109 16.83 -4.43 -13.49
CA ASN B 109 18.19 -3.95 -13.26
C ASN B 109 18.23 -2.75 -12.32
N ASN B 110 17.13 -2.01 -12.24
CA ASN B 110 17.06 -0.85 -11.35
C ASN B 110 16.50 -1.15 -9.94
N HIS B 111 16.49 -2.42 -9.54
CA HIS B 111 15.74 -2.80 -8.35
C HIS B 111 16.21 -2.06 -7.08
N LYS B 112 17.52 -1.87 -6.92
CA LYS B 112 18.05 -1.25 -5.70
C LYS B 112 17.58 0.21 -5.52
N VAL B 113 17.71 1.01 -6.58
CA VAL B 113 17.26 2.39 -6.52
C VAL B 113 15.73 2.48 -6.42
N ILE B 114 15.04 1.63 -7.16
CA ILE B 114 13.59 1.61 -7.09
C ILE B 114 13.11 1.27 -5.67
N GLN B 115 13.77 0.33 -4.99
CA GLN B 115 13.45 0.07 -3.57
C GLN B 115 13.67 1.32 -2.71
N GLU B 116 14.75 2.07 -2.95
CA GLU B 116 14.97 3.26 -2.12
C GLU B 116 13.94 4.33 -2.43
N ILE B 117 13.46 4.39 -3.67
CA ILE B 117 12.39 5.34 -3.99
C ILE B 117 11.10 4.96 -3.24
N ALA B 118 10.78 3.67 -3.20
CA ALA B 118 9.59 3.22 -2.48
C ALA B 118 9.69 3.54 -0.98
N GLN B 119 10.89 3.54 -0.42
CA GLN B 119 11.04 3.78 1.01
C GLN B 119 11.13 5.26 1.38
N ASN B 120 11.72 6.07 0.51
CA ASN B 120 12.05 7.45 0.85
C ASN B 120 11.38 8.48 -0.05
N GLY B 121 11.20 8.12 -1.32
CA GLY B 121 10.49 8.96 -2.25
C GLY B 121 9.07 8.46 -2.40
N LEU B 122 8.54 8.54 -3.62
CA LEU B 122 7.18 8.07 -3.91
C LEU B 122 7.09 7.36 -5.26
N ILE B 123 6.36 6.25 -5.31
CA ILE B 123 6.05 5.60 -6.59
C ILE B 123 4.54 5.53 -6.75
N LEU B 124 4.06 5.92 -7.94
CA LEU B 124 2.65 5.83 -8.28
C LEU B 124 2.46 4.88 -9.46
N SER B 125 1.32 4.21 -9.49
CA SER B 125 0.99 3.37 -10.64
C SER B 125 -0.49 3.44 -10.93
N GLU B 126 -0.83 3.42 -12.21
CA GLU B 126 -2.21 3.35 -12.67
C GLU B 126 -2.78 1.94 -12.61
N TYR B 127 -1.92 0.95 -12.38
CA TYR B 127 -2.31 -0.46 -12.47
C TYR B 127 -2.32 -1.14 -11.09
N GLU B 128 -3.42 -1.84 -10.75
CA GLU B 128 -3.57 -2.39 -9.41
C GLU B 128 -2.61 -3.53 -9.08
N LYS B 129 -2.59 -4.56 -9.92
CA LYS B 129 -1.81 -5.75 -9.60
C LYS B 129 -1.57 -6.61 -10.84
N ASP B 130 -0.54 -7.45 -10.78
N ASP B 130 -0.55 -7.46 -10.78
CA ASP B 130 -0.24 -8.44 -11.81
CA ASP B 130 -0.28 -8.44 -11.83
C ASP B 130 -0.22 -7.85 -13.23
C ASP B 130 -0.22 -7.85 -13.24
N PHE B 131 0.31 -6.63 -13.34
CA PHE B 131 0.32 -5.93 -14.60
C PHE B 131 1.74 -5.57 -15.00
N MET B 132 2.28 -6.24 -16.02
CA MET B 132 3.58 -5.86 -16.55
C MET B 132 3.39 -4.99 -17.78
N PRO B 133 4.35 -4.08 -18.05
CA PRO B 133 4.12 -3.13 -19.12
C PRO B 133 4.12 -3.76 -20.51
N ILE B 134 3.23 -3.33 -21.40
CA ILE B 134 3.38 -3.54 -22.83
C ILE B 134 3.59 -2.16 -23.43
N LYS B 135 3.78 -2.08 -24.74
CA LYS B 135 4.09 -0.82 -25.41
C LYS B 135 3.17 0.34 -25.01
N GLY B 136 1.87 0.09 -25.03
CA GLY B 136 0.88 1.09 -24.69
C GLY B 136 0.93 1.51 -23.23
N SER B 137 1.46 0.64 -22.38
CA SER B 137 1.60 0.94 -20.96
CA SER B 137 1.60 0.94 -20.96
C SER B 137 2.68 2.00 -20.71
N PHE B 138 3.78 1.90 -21.44
CA PHE B 138 4.84 2.91 -21.33
C PHE B 138 4.33 4.27 -21.75
N LEU B 139 3.58 4.31 -22.84
CA LEU B 139 3.04 5.57 -23.33
C LEU B 139 2.05 6.19 -22.35
N ALA B 140 1.17 5.36 -21.77
CA ALA B 140 0.20 5.88 -20.82
C ALA B 140 0.90 6.46 -19.59
N ARG B 141 1.90 5.74 -19.07
CA ARG B 141 2.70 6.21 -17.94
C ARG B 141 3.38 7.56 -18.26
N ASN B 142 3.86 7.71 -19.49
CA ASN B 142 4.58 8.92 -19.89
C ASN B 142 3.70 10.16 -19.76
N ARG B 143 2.41 10.00 -20.07
CA ARG B 143 1.47 11.10 -19.95
C ARG B 143 1.33 11.56 -18.50
N LEU B 144 1.45 10.62 -17.57
CA LEU B 144 1.38 10.95 -16.16
C LEU B 144 2.63 11.72 -15.70
N VAL B 145 3.80 11.29 -16.15
CA VAL B 145 5.03 12.01 -15.84
C VAL B 145 4.93 13.47 -16.30
N ILE B 146 4.53 13.65 -17.55
CA ILE B 146 4.51 15.00 -18.11
C ILE B 146 3.41 15.85 -17.46
N ALA B 147 2.20 15.32 -17.37
CA ALA B 147 1.08 16.04 -16.74
C ALA B 147 1.33 16.43 -15.28
N LEU B 148 1.95 15.54 -14.52
CA LEU B 148 2.26 15.84 -13.11
C LEU B 148 3.30 16.97 -12.96
N SER B 149 4.16 17.12 -13.96
CA SER B 149 5.30 18.01 -13.83
C SER B 149 5.02 19.44 -14.29
N ASP B 150 5.77 20.39 -13.72
CA ASP B 150 5.63 21.78 -14.10
C ASP B 150 6.51 22.09 -15.29
N VAL B 151 7.73 21.56 -15.30
CA VAL B 151 8.63 21.70 -16.45
C VAL B 151 9.30 20.37 -16.77
N VAL B 152 9.76 20.22 -18.00
CA VAL B 152 10.35 18.96 -18.47
C VAL B 152 11.78 19.16 -18.98
N ILE B 153 12.70 18.35 -18.47
CA ILE B 153 14.09 18.34 -18.94
C ILE B 153 14.44 17.02 -19.63
N ILE B 154 14.99 17.12 -20.83
CA ILE B 154 15.46 15.96 -21.58
C ILE B 154 16.93 16.17 -21.94
N PRO B 155 17.85 15.64 -21.11
CA PRO B 155 19.29 15.88 -21.26
C PRO B 155 19.84 15.39 -22.60
N GLN B 156 19.40 14.23 -23.04
CA GLN B 156 19.93 13.62 -24.26
C GLN B 156 18.92 12.64 -24.81
N ALA B 157 18.73 12.65 -26.14
CA ALA B 157 17.79 11.72 -26.77
C ALA B 157 18.02 11.61 -28.28
N ASP B 158 17.80 10.41 -28.81
CA ASP B 158 17.84 10.18 -30.24
C ASP B 158 16.47 10.48 -30.85
N LEU B 159 16.41 10.58 -32.17
CA LEU B 159 15.17 10.87 -32.88
C LEU B 159 14.07 9.82 -32.65
N LYS B 160 14.41 8.55 -32.83
CA LYS B 160 13.42 7.53 -32.56
C LYS B 160 13.72 6.97 -31.18
N SER B 161 13.11 7.61 -30.18
CA SER B 161 13.32 7.25 -28.79
C SER B 161 12.05 7.49 -27.99
N GLY B 162 11.90 6.75 -26.90
CA GLY B 162 10.77 6.93 -26.01
C GLY B 162 10.69 8.37 -25.55
N SER B 163 11.84 8.94 -25.22
CA SER B 163 11.93 10.34 -24.76
C SER B 163 11.24 11.31 -25.71
N MET B 164 11.27 11.02 -27.00
CA MET B 164 10.69 11.93 -27.97
C MET B 164 9.17 11.89 -27.92
N SER B 165 8.58 10.73 -27.60
CA SER B 165 7.14 10.64 -27.42
C SER B 165 6.73 11.56 -26.28
N SER B 166 7.51 11.55 -25.20
CA SER B 166 7.21 12.42 -24.06
C SER B 166 7.46 13.89 -24.37
N ALA B 167 8.35 14.16 -25.33
CA ALA B 167 8.56 15.52 -25.78
C ALA B 167 7.28 16.09 -26.42
N ARG B 168 6.61 15.31 -27.26
CA ARG B 168 5.38 15.77 -27.90
C ARG B 168 4.26 15.96 -26.86
N LEU B 169 4.28 15.13 -25.81
CA LEU B 169 3.31 15.28 -24.73
C LEU B 169 3.50 16.58 -23.99
N ALA B 170 4.76 16.95 -23.74
CA ALA B 170 5.07 18.21 -23.07
C ALA B 170 4.55 19.39 -23.89
N GLN B 171 4.68 19.30 -25.21
CA GLN B 171 4.14 20.34 -26.07
C GLN B 171 2.61 20.28 -26.10
N LYS B 172 2.07 19.09 -26.30
CA LYS B 172 0.61 18.90 -26.27
C LYS B 172 -0.01 19.48 -25.01
N TYR B 173 0.66 19.29 -23.87
CA TYR B 173 0.11 19.74 -22.59
C TYR B 173 0.75 21.03 -22.07
N GLN B 174 1.44 21.75 -22.95
CA GLN B 174 1.99 23.08 -22.63
C GLN B 174 2.92 23.12 -21.42
N LYS B 175 3.83 22.16 -21.33
CA LYS B 175 4.83 22.14 -20.26
C LYS B 175 6.17 22.64 -20.83
N PRO B 176 6.77 23.68 -20.22
CA PRO B 176 8.07 24.19 -20.70
C PRO B 176 9.11 23.08 -20.84
N LEU B 177 9.73 22.99 -22.03
CA LEU B 177 10.65 21.90 -22.35
C LEU B 177 12.09 22.38 -22.55
N PHE B 178 13.02 21.76 -21.83
CA PHE B 178 14.45 22.11 -21.81
C PHE B 178 15.37 20.93 -22.14
N VAL B 179 16.48 21.21 -22.82
CA VAL B 179 17.44 20.15 -23.16
C VAL B 179 18.87 20.59 -22.84
N LEU B 180 19.81 19.65 -22.80
CA LEU B 180 21.23 20.02 -22.68
C LEU B 180 21.80 20.39 -24.03
N PRO B 181 22.76 21.35 -24.07
CA PRO B 181 23.53 21.58 -25.30
C PRO B 181 24.19 20.29 -25.74
N GLN B 182 24.03 19.94 -27.00
CA GLN B 182 24.67 18.74 -27.53
C GLN B 182 25.28 19.04 -28.88
N ARG B 183 26.43 18.44 -29.17
CA ARG B 183 27.07 18.57 -30.48
C ARG B 183 26.15 18.04 -31.58
N LEU B 184 26.27 18.64 -32.77
CA LEU B 184 25.64 18.10 -33.96
C LEU B 184 25.94 16.63 -34.12
N ASN B 185 24.95 15.88 -34.62
CA ASN B 185 25.05 14.43 -34.86
C ASN B 185 25.17 13.59 -33.59
N GLU B 186 25.12 14.24 -32.43
CA GLU B 186 24.85 13.56 -31.17
C GLU B 186 23.46 14.00 -30.71
N SER B 187 22.71 13.12 -30.05
CA SER B 187 21.43 13.50 -29.49
C SER B 187 20.52 14.24 -30.50
N ASP B 188 20.27 13.61 -31.65
CA ASP B 188 19.54 14.29 -32.72
C ASP B 188 18.12 14.67 -32.32
N GLY B 189 17.52 13.86 -31.44
CA GLY B 189 16.22 14.17 -30.87
C GLY B 189 16.15 15.53 -30.19
N THR B 190 17.05 15.80 -29.26
CA THR B 190 16.99 17.05 -28.51
C THR B 190 17.45 18.22 -29.41
N ASN B 191 18.36 17.96 -30.34
CA ASN B 191 18.78 19.04 -31.25
C ASN B 191 17.69 19.43 -32.23
N GLU B 192 16.88 18.46 -32.65
CA GLU B 192 15.73 18.77 -33.48
C GLU B 192 14.69 19.59 -32.72
N LEU B 193 14.53 19.31 -31.43
CA LEU B 193 13.65 20.11 -30.59
C LEU B 193 14.10 21.56 -30.57
N LEU B 194 15.40 21.77 -30.43
CA LEU B 194 15.96 23.13 -30.41
C LEU B 194 15.76 23.81 -31.75
N GLU B 195 15.96 23.06 -32.82
CA GLU B 195 15.84 23.62 -34.16
C GLU B 195 14.43 24.09 -34.44
N LYS B 196 13.44 23.27 -34.10
CA LYS B 196 12.03 23.59 -34.34
C LYS B 196 11.52 24.59 -33.33
N GLY B 197 12.39 24.99 -32.41
CA GLY B 197 12.02 25.89 -31.33
C GLY B 197 11.07 25.27 -30.33
N GLN B 198 10.97 23.94 -30.33
CA GLN B 198 10.04 23.22 -29.46
C GLN B 198 10.61 23.03 -28.05
N ALA B 199 11.90 23.32 -27.90
CA ALA B 199 12.57 23.24 -26.60
C ALA B 199 13.56 24.37 -26.45
N GLN B 200 13.84 24.72 -25.20
CA GLN B 200 14.84 25.73 -24.89
C GLN B 200 16.13 25.04 -24.45
N GLY B 201 17.28 25.65 -24.77
CA GLY B 201 18.55 25.06 -24.39
C GLY B 201 18.97 25.48 -23.00
N ILE B 202 19.64 24.58 -22.28
CA ILE B 202 20.20 24.92 -20.97
C ILE B 202 21.67 25.27 -21.19
N PHE B 203 21.91 26.50 -21.62
CA PHE B 203 23.25 26.91 -22.00
C PHE B 203 24.11 27.28 -20.80
N ASN B 204 23.51 27.21 -19.61
CA ASN B 204 24.20 27.48 -18.36
C ASN B 204 23.39 26.88 -17.21
N ILE B 205 23.92 25.83 -16.57
CA ILE B 205 23.20 25.03 -15.56
C ILE B 205 22.79 25.85 -14.34
N GLN B 206 23.74 26.59 -13.80
CA GLN B 206 23.52 27.37 -12.59
C GLN B 206 22.44 28.43 -12.81
N ASN B 207 22.49 29.12 -13.95
CA ASN B 207 21.50 30.14 -14.26
C ASN B 207 20.11 29.53 -14.40
N PHE B 208 20.04 28.43 -15.13
CA PHE B 208 18.78 27.72 -15.34
C PHE B 208 18.11 27.34 -14.02
N ILE B 209 18.87 26.69 -13.15
CA ILE B 209 18.34 26.30 -11.84
C ILE B 209 17.81 27.49 -11.05
N ASN B 210 18.64 28.52 -10.88
CA ASN B 210 18.24 29.68 -10.11
C ASN B 210 17.01 30.38 -10.70
N THR B 211 16.96 30.44 -12.02
CA THR B 211 15.80 31.00 -12.70
C THR B 211 14.55 30.18 -12.41
N LEU B 212 14.70 28.86 -12.47
CA LEU B 212 13.59 27.95 -12.19
C LEU B 212 13.08 28.14 -10.76
N LEU B 213 14.00 28.17 -9.81
CA LEU B 213 13.64 28.34 -8.40
C LEU B 213 12.98 29.69 -8.12
N LYS B 214 13.39 30.72 -8.83
CA LYS B 214 12.77 32.02 -8.63
C LYS B 214 11.34 31.98 -9.16
N ASP B 215 11.19 31.50 -10.40
CA ASP B 215 9.90 31.45 -11.06
C ASP B 215 8.85 30.69 -10.26
N TYR B 216 9.27 29.70 -9.46
CA TYR B 216 8.34 28.91 -8.66
C TYR B 216 8.45 29.20 -7.16
N HIS B 217 9.15 30.29 -6.85
CA HIS B 217 9.16 30.85 -5.49
C HIS B 217 9.66 29.87 -4.43
N LEU B 218 10.89 29.39 -4.57
CA LEU B 218 11.52 28.57 -3.54
C LEU B 218 12.76 29.26 -2.98
C1 EDO C . -7.18 1.81 13.35
O1 EDO C . -6.38 1.91 12.15
C2 EDO C . -8.37 0.92 13.09
O2 EDO C . -9.08 1.38 11.94
C1 EDO D . -4.39 7.08 22.09
O1 EDO D . -4.30 8.09 21.09
C2 EDO D . -5.73 6.37 21.95
O2 EDO D . -6.77 7.34 21.77
C1 EDO E . 8.31 0.17 -9.71
O1 EDO E . 8.76 -0.73 -10.72
C2 EDO E . 7.17 -0.44 -8.91
O2 EDO E . 6.15 -0.87 -9.80
#